data_1FS9
#
_entry.id   1FS9
#
_cell.length_a   119.532
_cell.length_b   119.532
_cell.length_c   186.056
_cell.angle_alpha   90
_cell.angle_beta   90
_cell.angle_gamma   90
#
_symmetry.space_group_name_H-M   'I 41 2 2'
#
loop_
_entity.id
_entity.type
_entity.pdbx_description
1 polymer 'CYTOCHROME C NITRITE REDUCTASE'
2 non-polymer 'CALCIUM ION'
3 non-polymer 'YTTRIUM ION'
4 non-polymer 'AZIDE ION'
5 non-polymer 'HEME C'
6 water water
#
_entity_poly.entity_id   1
_entity_poly.type   'polypeptide(L)'
_entity_poly.pdbx_seq_one_letter_code
;MTKFKLLLAGSLVAIVSMGLLASNINEREKERVALNKTAHSQGIEGKAMSEEWARYYPRQFDSWKKTKESDNITDMLKEK
PALVVAWAGYPFSKDYNAPRGHYYALQDNINTLRTGAPVDGKTGPLPSACWTCKSPDVPRIIEQDGELEYFTGKWAKYGD
EIVNTIGCYNCHDDKSAELKSKVPYLDRGLSAAGFKTFAESTHQEKRSLVCAQCHVEYYFKKTEWKDDKGVDKTAMVVTL
PWSKGISTEQMEAYYDEINFADWTHGISKTPMLKAQHPDWELYKTGIHGQKGVSCADCHMPYTQEGAVKYSDHKVGNPLD
NMDKSCMNCHRESEQKLKDIVKQKFERKEFLQDIAFDNIGKAHLETGKAMELGATDAELKEIRTHIRHAQWRADMAIAGH
GSFFHAPEEVLRLLASGNEEAQKARIKLVKVLAKYGAIDYVAPDFETKEKAQKLAKVDMEAFIAEKLKFKQTLEQEWKKQ
AIAKGRLNPESLKGVDEKSSYYDKTKK
;
_entity_poly.pdbx_strand_id   A
#
loop_
_chem_comp.id
_chem_comp.type
_chem_comp.name
_chem_comp.formula
AZI non-polymer 'AZIDE ION' 'N3 -1'
CA non-polymer 'CALCIUM ION' 'Ca 2'
HEC non-polymer 'HEME C' 'C34 H34 Fe N4 O4'
Y1 non-polymer 'YTTRIUM ION' 'Y 2'
#
# COMPACT_ATOMS: atom_id res chain seq x y z
N LYS A 37 -28.31 -5.59 -22.15
CA LYS A 37 -28.25 -4.57 -21.07
C LYS A 37 -28.49 -5.21 -19.72
N THR A 38 -28.25 -4.44 -18.65
CA THR A 38 -28.43 -4.94 -17.29
C THR A 38 -29.84 -4.61 -16.82
N ALA A 39 -30.15 -4.97 -15.58
CA ALA A 39 -31.46 -4.69 -15.01
C ALA A 39 -31.41 -3.34 -14.28
N HIS A 40 -30.30 -2.63 -14.46
CA HIS A 40 -30.10 -1.33 -13.83
C HIS A 40 -29.40 -0.40 -14.82
N SER A 41 -29.87 -0.43 -16.07
CA SER A 41 -29.28 0.36 -17.16
C SER A 41 -29.28 1.88 -16.97
N GLN A 42 -30.07 2.39 -16.03
CA GLN A 42 -30.09 3.84 -15.80
C GLN A 42 -29.21 4.25 -14.62
N GLY A 43 -28.54 3.28 -14.00
CA GLY A 43 -27.69 3.59 -12.87
C GLY A 43 -28.28 3.03 -11.59
N ILE A 44 -27.53 3.14 -10.50
CA ILE A 44 -27.98 2.62 -9.21
C ILE A 44 -27.96 3.72 -8.14
N GLU A 45 -29.13 4.00 -7.57
CA GLU A 45 -29.23 5.02 -6.53
C GLU A 45 -28.46 4.51 -5.32
N GLY A 46 -27.52 5.32 -4.83
CA GLY A 46 -26.71 4.92 -3.70
C GLY A 46 -25.63 3.93 -4.10
N LYS A 47 -25.21 4.00 -5.36
CA LYS A 47 -24.20 3.09 -5.90
C LYS A 47 -22.91 2.91 -5.10
N ALA A 48 -22.54 3.90 -4.31
CA ALA A 48 -21.33 3.80 -3.51
C ALA A 48 -21.48 2.69 -2.46
N MET A 49 -22.70 2.45 -2.02
CA MET A 49 -22.93 1.40 -1.02
C MET A 49 -23.15 0.08 -1.75
N SER A 50 -22.18 -0.83 -1.61
CA SER A 50 -22.25 -2.11 -2.29
C SER A 50 -23.52 -2.89 -2.00
N GLU A 51 -24.12 -2.66 -0.82
CA GLU A 51 -25.35 -3.36 -0.49
C GLU A 51 -26.43 -3.09 -1.52
N GLU A 52 -26.30 -1.96 -2.22
CA GLU A 52 -27.25 -1.54 -3.24
C GLU A 52 -27.18 -2.37 -4.53
N TRP A 53 -26.11 -3.15 -4.67
CA TRP A 53 -25.94 -3.98 -5.86
C TRP A 53 -26.42 -5.41 -5.62
N ALA A 54 -26.67 -5.73 -4.36
CA ALA A 54 -27.11 -7.07 -3.97
C ALA A 54 -28.38 -7.56 -4.66
N ARG A 55 -29.36 -6.68 -4.86
CA ARG A 55 -30.61 -7.09 -5.49
C ARG A 55 -30.41 -7.56 -6.92
N TYR A 56 -29.34 -7.11 -7.57
CA TYR A 56 -29.07 -7.51 -8.94
C TYR A 56 -28.07 -8.66 -9.02
N TYR A 57 -27.11 -8.66 -8.11
CA TYR A 57 -26.07 -9.68 -8.09
C TYR A 57 -25.85 -10.28 -6.71
N PRO A 58 -26.83 -11.05 -6.21
CA PRO A 58 -26.69 -11.66 -4.88
C PRO A 58 -25.46 -12.55 -4.74
N ARG A 59 -25.11 -13.28 -5.80
CA ARG A 59 -23.96 -14.17 -5.77
C ARG A 59 -22.65 -13.41 -5.53
N GLN A 60 -22.36 -12.44 -6.40
CA GLN A 60 -21.15 -11.65 -6.29
C GLN A 60 -21.10 -10.87 -4.98
N PHE A 61 -22.25 -10.39 -4.53
CA PHE A 61 -22.31 -9.64 -3.27
C PHE A 61 -21.91 -10.56 -2.12
N ASP A 62 -22.51 -11.75 -2.10
CA ASP A 62 -22.25 -12.73 -1.05
C ASP A 62 -20.78 -13.11 -0.90
N SER A 63 -20.12 -13.41 -2.02
CA SER A 63 -18.70 -13.78 -1.95
C SER A 63 -17.84 -12.56 -1.68
N TRP A 64 -18.25 -11.41 -2.19
CA TRP A 64 -17.54 -10.14 -1.99
C TRP A 64 -17.47 -9.83 -0.49
N LYS A 65 -18.57 -10.06 0.20
CA LYS A 65 -18.62 -9.78 1.64
C LYS A 65 -17.76 -10.74 2.46
N LYS A 66 -17.49 -11.92 1.92
CA LYS A 66 -16.70 -12.91 2.64
C LYS A 66 -15.23 -12.58 2.88
N THR A 67 -14.75 -11.43 2.40
CA THR A 67 -13.36 -11.10 2.66
C THR A 67 -13.27 -10.75 4.15
N LYS A 68 -14.43 -10.70 4.79
CA LYS A 68 -14.51 -10.44 6.22
C LYS A 68 -13.78 -11.56 6.95
N GLU A 69 -13.73 -12.72 6.31
CA GLU A 69 -13.09 -13.90 6.89
C GLU A 69 -11.57 -13.75 7.05
N SER A 70 -10.94 -12.92 6.22
CA SER A 70 -9.51 -12.70 6.33
C SER A 70 -9.34 -11.51 7.27
N ASP A 71 -9.41 -11.77 8.57
CA ASP A 71 -9.31 -10.71 9.56
C ASP A 71 -8.02 -10.70 10.36
N ASN A 72 -7.07 -11.53 9.98
CA ASN A 72 -5.81 -11.59 10.70
C ASN A 72 -4.98 -10.32 10.56
N ILE A 73 -4.42 -9.87 11.68
CA ILE A 73 -3.57 -8.69 11.68
C ILE A 73 -2.14 -9.14 12.00
N THR A 74 -1.27 -9.06 11.01
CA THR A 74 0.14 -9.41 11.22
C THR A 74 0.90 -8.10 11.32
N ASP A 75 1.42 -7.83 12.51
CA ASP A 75 2.19 -6.62 12.80
C ASP A 75 3.57 -6.80 12.15
N MET A 76 3.77 -6.20 10.97
CA MET A 76 5.04 -6.34 10.27
C MET A 76 6.24 -5.71 10.97
N LEU A 77 5.99 -4.70 11.82
CA LEU A 77 7.07 -4.07 12.55
C LEU A 77 7.55 -5.02 13.65
N LYS A 78 6.63 -5.85 14.15
CA LYS A 78 6.97 -6.81 15.18
C LYS A 78 7.70 -7.99 14.51
N GLU A 79 7.24 -8.35 13.31
CA GLU A 79 7.83 -9.46 12.56
C GLU A 79 9.20 -9.07 12.00
N LYS A 80 9.29 -7.86 11.47
CA LYS A 80 10.54 -7.36 10.88
C LYS A 80 10.90 -6.01 11.50
N PRO A 81 11.42 -6.01 12.73
CA PRO A 81 11.78 -4.74 13.38
C PRO A 81 12.80 -3.89 12.61
N ALA A 82 13.56 -4.52 11.72
CA ALA A 82 14.53 -3.76 10.92
C ALA A 82 13.81 -2.68 10.14
N LEU A 83 12.55 -2.93 9.80
CA LEU A 83 11.74 -1.97 9.04
C LEU A 83 11.53 -0.67 9.83
N VAL A 84 11.47 -0.77 11.14
CA VAL A 84 11.29 0.43 11.97
C VAL A 84 12.48 1.37 11.76
N VAL A 85 13.69 0.81 11.77
CA VAL A 85 14.89 1.61 11.59
C VAL A 85 14.92 2.21 10.19
N ALA A 86 14.55 1.40 9.20
CA ALA A 86 14.52 1.84 7.81
C ALA A 86 13.58 3.02 7.64
N TRP A 87 12.46 2.99 8.35
CA TRP A 87 11.47 4.05 8.24
C TRP A 87 11.47 5.09 9.35
N ALA A 88 12.59 5.20 10.05
CA ALA A 88 12.70 6.19 11.13
C ALA A 88 12.45 7.59 10.58
N GLY A 89 11.56 8.34 11.24
CA GLY A 89 11.23 9.68 10.80
C GLY A 89 10.04 9.70 9.84
N TYR A 90 9.46 8.52 9.62
CA TYR A 90 8.31 8.39 8.72
C TYR A 90 7.19 7.64 9.46
N PRO A 91 5.92 7.90 9.10
CA PRO A 91 4.79 7.23 9.76
C PRO A 91 4.84 5.70 9.83
N PHE A 92 5.44 5.07 8.82
CA PHE A 92 5.52 3.61 8.81
C PHE A 92 6.33 3.05 9.98
N SER A 93 7.10 3.88 10.66
CA SER A 93 7.89 3.39 11.79
C SER A 93 6.98 3.26 13.02
N LYS A 94 5.78 3.81 12.93
CA LYS A 94 4.81 3.74 14.02
C LYS A 94 3.90 2.53 13.93
N ASP A 95 3.35 2.31 12.75
CA ASP A 95 2.40 1.21 12.54
C ASP A 95 2.44 0.76 11.08
N TYR A 96 2.58 -0.55 10.87
CA TYR A 96 2.61 -1.14 9.53
C TYR A 96 2.28 -2.62 9.65
N ASN A 97 1.10 -3.00 9.15
CA ASN A 97 0.64 -4.38 9.20
C ASN A 97 0.48 -4.96 7.81
N ALA A 98 0.48 -6.29 7.73
CA ALA A 98 0.32 -6.96 6.44
C ALA A 98 -1.12 -6.73 6.00
N PRO A 99 -1.41 -6.89 4.70
CA PRO A 99 -2.77 -6.68 4.26
C PRO A 99 -3.72 -7.80 4.63
N ARG A 100 -4.99 -7.46 4.87
CA ARG A 100 -5.98 -8.48 5.18
C ARG A 100 -7.15 -8.20 4.24
N GLY A 101 -8.29 -8.84 4.49
CA GLY A 101 -9.43 -8.67 3.62
C GLY A 101 -9.90 -7.27 3.25
N HIS A 102 -10.43 -7.13 2.05
CA HIS A 102 -10.95 -5.86 1.55
C HIS A 102 -12.01 -5.29 2.50
N TYR A 103 -12.72 -6.19 3.17
CA TYR A 103 -13.78 -5.82 4.10
C TYR A 103 -13.27 -4.85 5.17
N TYR A 104 -11.96 -4.90 5.44
CA TYR A 104 -11.35 -4.06 6.46
C TYR A 104 -10.52 -2.86 5.98
N ALA A 105 -10.42 -2.67 4.67
CA ALA A 105 -9.63 -1.57 4.12
C ALA A 105 -9.93 -0.21 4.75
N LEU A 106 -11.19 0.21 4.69
CA LEU A 106 -11.58 1.51 5.23
C LEU A 106 -11.26 1.63 6.73
N GLN A 107 -11.66 0.63 7.51
CA GLN A 107 -11.41 0.68 8.95
C GLN A 107 -9.91 0.67 9.31
N ASP A 108 -9.11 -0.10 8.57
CA ASP A 108 -7.67 -0.14 8.85
C ASP A 108 -7.04 1.22 8.52
N ASN A 109 -7.59 1.88 7.52
CA ASN A 109 -7.12 3.21 7.13
C ASN A 109 -7.35 4.13 8.32
N ILE A 110 -8.47 3.91 9.00
CA ILE A 110 -8.82 4.71 10.18
C ILE A 110 -8.02 4.32 11.42
N ASN A 111 -7.85 3.01 11.63
CA ASN A 111 -7.13 2.52 12.82
C ASN A 111 -5.62 2.68 12.82
N THR A 112 -4.97 2.62 11.67
CA THR A 112 -3.52 2.73 11.65
C THR A 112 -3.03 3.98 12.36
N LEU A 113 -1.95 3.85 13.10
CA LEU A 113 -1.40 4.98 13.81
C LEU A 113 -0.90 6.02 12.82
N ARG A 114 -0.68 5.60 11.57
CA ARG A 114 -0.16 6.51 10.56
C ARG A 114 -1.08 7.70 10.32
N THR A 115 -2.40 7.51 10.42
CA THR A 115 -3.33 8.61 10.19
C THR A 115 -3.49 9.50 11.42
N GLY A 116 -2.89 9.10 12.54
CA GLY A 116 -2.94 9.89 13.75
C GLY A 116 -4.29 10.18 14.37
N ALA A 117 -4.37 11.29 15.10
CA ALA A 117 -5.60 11.64 15.78
C ALA A 117 -6.11 13.05 15.51
N PRO A 118 -6.81 13.24 14.38
CA PRO A 118 -7.34 14.56 14.04
C PRO A 118 -8.35 14.95 15.11
N VAL A 119 -8.58 16.24 15.29
CA VAL A 119 -9.58 16.71 16.27
C VAL A 119 -10.75 17.28 15.49
N ASP A 120 -10.50 17.57 14.21
CA ASP A 120 -11.53 18.10 13.32
C ASP A 120 -11.13 17.83 11.87
N GLY A 121 -11.85 18.44 10.93
CA GLY A 121 -11.55 18.23 9.53
C GLY A 121 -10.35 18.97 8.98
N LYS A 122 -9.67 19.74 9.84
CA LYS A 122 -8.50 20.50 9.41
C LYS A 122 -7.22 20.09 10.13
N THR A 123 -7.32 19.06 10.97
CA THR A 123 -6.16 18.58 11.71
C THR A 123 -5.80 17.15 11.31
N GLY A 124 -4.71 16.64 11.86
CA GLY A 124 -4.28 15.30 11.52
C GLY A 124 -3.03 15.38 10.67
N PRO A 125 -2.16 14.37 10.74
CA PRO A 125 -0.91 14.36 9.96
C PRO A 125 -1.00 14.13 8.45
N LEU A 126 -1.94 13.29 8.02
CA LEU A 126 -2.04 12.98 6.59
C LEU A 126 -3.12 13.70 5.79
N PRO A 127 -2.96 13.76 4.45
CA PRO A 127 -3.86 14.42 3.50
C PRO A 127 -5.04 13.55 3.07
N SER A 128 -5.96 14.15 2.32
CA SER A 128 -7.17 13.47 1.83
C SER A 128 -6.87 12.31 0.90
N ALA A 129 -5.73 12.33 0.24
CA ALA A 129 -5.37 11.28 -0.70
C ALA A 129 -5.30 9.89 -0.05
N CYS A 130 -5.20 9.83 1.27
CA CYS A 130 -5.11 8.53 1.93
C CYS A 130 -6.40 7.69 1.85
N TRP A 131 -7.50 8.31 1.43
CA TRP A 131 -8.77 7.59 1.29
C TRP A 131 -8.87 6.92 -0.08
N THR A 132 -8.27 7.58 -1.06
CA THR A 132 -8.27 7.16 -2.46
C THR A 132 -8.47 5.69 -2.80
N CYS A 133 -7.64 4.81 -2.23
CA CYS A 133 -7.73 3.40 -2.54
C CYS A 133 -8.37 2.57 -1.45
N LYS A 134 -9.32 3.16 -0.72
CA LYS A 134 -9.97 2.46 0.37
C LYS A 134 -11.49 2.44 0.31
N SER A 135 -12.06 3.20 -0.61
CA SER A 135 -13.52 3.29 -0.64
C SER A 135 -14.18 3.64 -1.97
N PRO A 136 -15.40 3.12 -2.18
CA PRO A 136 -16.12 3.42 -3.43
C PRO A 136 -16.68 4.84 -3.34
N ASP A 137 -16.60 5.42 -2.14
CA ASP A 137 -17.06 6.80 -1.94
C ASP A 137 -16.07 7.76 -2.58
N VAL A 138 -14.86 7.27 -2.86
CA VAL A 138 -13.82 8.09 -3.47
C VAL A 138 -14.24 8.55 -4.87
N PRO A 139 -14.58 7.59 -5.76
CA PRO A 139 -14.99 8.02 -7.09
C PRO A 139 -16.29 8.83 -7.02
N ARG A 140 -17.14 8.50 -6.04
CA ARG A 140 -18.39 9.22 -5.86
C ARG A 140 -18.07 10.69 -5.64
N ILE A 141 -17.15 10.96 -4.72
CA ILE A 141 -16.75 12.34 -4.41
C ILE A 141 -15.95 12.98 -5.53
N ILE A 142 -15.06 12.24 -6.17
CA ILE A 142 -14.28 12.80 -7.27
C ILE A 142 -15.22 13.21 -8.41
N GLU A 143 -16.21 12.37 -8.67
CA GLU A 143 -17.19 12.63 -9.72
C GLU A 143 -18.08 13.82 -9.40
N GLN A 144 -18.23 14.11 -8.11
CA GLN A 144 -19.08 15.20 -7.64
C GLN A 144 -18.36 16.55 -7.48
N ASP A 145 -17.17 16.54 -6.88
CA ASP A 145 -16.42 17.77 -6.65
C ASP A 145 -15.19 17.96 -7.51
N GLY A 146 -14.84 16.96 -8.32
CA GLY A 146 -13.66 17.09 -9.15
C GLY A 146 -12.42 16.52 -8.49
N GLU A 147 -11.46 16.09 -9.31
CA GLU A 147 -10.24 15.50 -8.83
C GLU A 147 -9.42 16.39 -7.90
N LEU A 148 -9.12 17.61 -8.33
CA LEU A 148 -8.32 18.53 -7.53
C LEU A 148 -8.91 18.80 -6.15
N GLU A 149 -10.20 19.09 -6.10
CA GLU A 149 -10.87 19.36 -4.83
C GLU A 149 -10.73 18.17 -3.88
N TYR A 150 -10.96 16.97 -4.41
CA TYR A 150 -10.86 15.76 -3.62
C TYR A 150 -9.46 15.63 -3.01
N PHE A 151 -8.44 15.89 -3.82
CA PHE A 151 -7.06 15.79 -3.37
C PHE A 151 -6.58 17.01 -2.58
N THR A 152 -7.52 17.87 -2.18
CA THR A 152 -7.16 19.05 -1.42
C THR A 152 -7.69 18.93 0.01
N GLY A 153 -6.83 19.21 0.98
CA GLY A 153 -7.25 19.13 2.37
C GLY A 153 -6.70 17.97 3.16
N LYS A 154 -7.11 17.89 4.42
CA LYS A 154 -6.67 16.84 5.31
C LYS A 154 -7.46 15.55 5.12
N TRP A 155 -6.88 14.46 5.60
CA TRP A 155 -7.53 13.15 5.54
C TRP A 155 -8.86 13.29 6.30
N ALA A 156 -8.79 13.95 7.46
CA ALA A 156 -9.95 14.14 8.31
C ALA A 156 -11.10 14.89 7.63
N LYS A 157 -10.78 15.58 6.54
CA LYS A 157 -11.77 16.35 5.80
C LYS A 157 -12.99 15.52 5.38
N TYR A 158 -12.76 14.30 4.92
CA TYR A 158 -13.86 13.44 4.46
C TYR A 158 -14.27 12.34 5.43
N GLY A 159 -13.94 12.52 6.70
CA GLY A 159 -14.28 11.54 7.72
C GLY A 159 -15.71 11.03 7.75
N ASP A 160 -16.70 11.89 7.51
CA ASP A 160 -18.09 11.41 7.54
C ASP A 160 -18.71 11.24 6.15
N GLU A 161 -17.86 11.23 5.12
CA GLU A 161 -18.33 11.05 3.75
C GLU A 161 -17.78 9.76 3.14
N ILE A 162 -16.51 9.48 3.38
CA ILE A 162 -15.87 8.27 2.86
C ILE A 162 -15.96 7.22 3.97
N VAL A 163 -17.03 6.43 3.92
CA VAL A 163 -17.29 5.45 4.95
C VAL A 163 -17.56 4.02 4.50
N ASN A 164 -17.55 3.78 3.19
CA ASN A 164 -17.76 2.44 2.68
C ASN A 164 -16.40 1.88 2.29
N THR A 165 -16.21 0.56 2.42
CA THR A 165 -14.93 -0.03 2.07
C THR A 165 -14.97 -0.58 0.64
N ILE A 166 -13.79 -0.91 0.10
CA ILE A 166 -13.64 -1.45 -1.26
C ILE A 166 -14.94 -2.10 -1.74
N GLY A 167 -15.60 -1.46 -2.70
CA GLY A 167 -16.87 -1.99 -3.18
C GLY A 167 -17.07 -2.11 -4.68
N CYS A 168 -18.23 -2.63 -5.06
CA CYS A 168 -18.61 -2.83 -6.44
C CYS A 168 -18.29 -1.63 -7.32
N TYR A 169 -18.64 -0.45 -6.84
CA TYR A 169 -18.43 0.77 -7.59
C TYR A 169 -16.95 1.12 -7.83
N ASN A 170 -16.04 0.46 -7.14
CA ASN A 170 -14.62 0.73 -7.36
C ASN A 170 -14.13 0.05 -8.62
N CYS A 171 -14.82 -0.99 -9.06
CA CYS A 171 -14.40 -1.73 -10.25
C CYS A 171 -15.45 -1.89 -11.34
N HIS A 172 -16.68 -1.48 -11.06
CA HIS A 172 -17.77 -1.64 -12.02
C HIS A 172 -18.53 -0.37 -12.35
N ASP A 173 -19.03 -0.30 -13.59
CA ASP A 173 -19.84 0.83 -14.04
C ASP A 173 -21.24 0.48 -13.52
N ASP A 174 -21.93 1.42 -12.89
CA ASP A 174 -23.24 1.13 -12.32
C ASP A 174 -24.40 1.04 -13.32
N LYS A 175 -24.10 1.16 -14.60
CA LYS A 175 -25.13 1.06 -15.63
C LYS A 175 -24.96 -0.22 -16.44
N SER A 176 -23.73 -0.48 -16.87
CA SER A 176 -23.43 -1.66 -17.68
C SER A 176 -22.78 -2.80 -16.88
N ALA A 177 -22.28 -2.49 -15.69
CA ALA A 177 -21.62 -3.49 -14.85
C ALA A 177 -20.25 -3.92 -15.40
N GLU A 178 -19.82 -3.29 -16.49
CA GLU A 178 -18.53 -3.59 -17.07
C GLU A 178 -17.40 -3.14 -16.16
N LEU A 179 -16.24 -3.77 -16.31
CA LEU A 179 -15.08 -3.41 -15.51
C LEU A 179 -14.68 -2.00 -15.92
N LYS A 180 -14.23 -1.21 -14.96
CA LYS A 180 -13.84 0.16 -15.23
C LYS A 180 -12.85 0.68 -14.20
N SER A 181 -11.96 1.57 -14.62
CA SER A 181 -11.01 2.19 -13.73
C SER A 181 -11.71 3.49 -13.34
N LYS A 182 -11.85 3.74 -12.04
CA LYS A 182 -12.52 4.96 -11.60
C LYS A 182 -11.57 6.09 -11.21
N VAL A 183 -10.27 5.82 -11.28
CA VAL A 183 -9.29 6.83 -10.92
C VAL A 183 -8.45 7.27 -12.11
N PRO A 184 -8.47 8.57 -12.43
CA PRO A 184 -7.74 9.16 -13.55
C PRO A 184 -6.22 8.97 -13.51
N TYR A 185 -5.63 8.88 -12.32
CA TYR A 185 -4.18 8.74 -12.24
C TYR A 185 -3.66 7.45 -12.88
N LEU A 186 -4.49 6.41 -12.94
CA LEU A 186 -4.04 5.16 -13.53
C LEU A 186 -3.79 5.29 -15.03
N ASP A 187 -4.78 5.77 -15.79
CA ASP A 187 -4.60 5.92 -17.23
C ASP A 187 -3.45 6.89 -17.48
N ARG A 188 -3.36 7.90 -16.63
CA ARG A 188 -2.33 8.91 -16.72
C ARG A 188 -0.97 8.21 -16.62
N GLY A 189 -0.86 7.28 -15.67
CA GLY A 189 0.39 6.55 -15.50
C GLY A 189 0.65 5.57 -16.63
N LEU A 190 -0.40 4.88 -17.07
CA LEU A 190 -0.27 3.91 -18.15
C LEU A 190 0.24 4.57 -19.41
N SER A 191 -0.33 5.73 -19.74
CA SER A 191 0.08 6.46 -20.94
C SER A 191 1.56 6.84 -20.86
N ALA A 192 1.94 7.47 -19.76
CA ALA A 192 3.33 7.89 -19.54
C ALA A 192 4.30 6.73 -19.70
N ALA A 193 3.86 5.52 -19.37
CA ALA A 193 4.72 4.35 -19.45
C ALA A 193 4.68 3.72 -20.85
N GLY A 194 3.88 4.30 -21.74
CA GLY A 194 3.77 3.76 -23.08
C GLY A 194 2.79 2.60 -23.17
N PHE A 195 1.93 2.49 -22.17
CA PHE A 195 0.92 1.42 -22.12
C PHE A 195 -0.40 1.95 -22.68
N LYS A 196 -1.28 1.05 -23.08
CA LYS A 196 -2.59 1.45 -23.57
C LYS A 196 -3.41 1.82 -22.35
N THR A 197 -4.36 2.74 -22.52
CA THR A 197 -5.22 3.15 -21.41
C THR A 197 -6.17 1.99 -21.09
N PHE A 198 -6.94 2.13 -20.03
CA PHE A 198 -7.87 1.09 -19.63
C PHE A 198 -8.87 0.75 -20.72
N ALA A 199 -9.49 1.76 -21.32
CA ALA A 199 -10.47 1.54 -22.38
C ALA A 199 -9.84 0.90 -23.61
N GLU A 200 -8.55 1.14 -23.83
CA GLU A 200 -7.86 0.58 -24.97
C GLU A 200 -7.36 -0.84 -24.74
N SER A 201 -7.37 -1.29 -23.49
CA SER A 201 -6.89 -2.61 -23.15
C SER A 201 -7.86 -3.75 -23.45
N THR A 202 -7.31 -4.96 -23.51
CA THR A 202 -8.11 -6.15 -23.77
C THR A 202 -8.87 -6.50 -22.49
N HIS A 203 -9.88 -7.35 -22.60
CA HIS A 203 -10.66 -7.74 -21.44
C HIS A 203 -9.77 -8.40 -20.39
N GLN A 204 -8.90 -9.31 -20.83
CA GLN A 204 -8.01 -10.01 -19.93
C GLN A 204 -7.12 -9.02 -19.18
N GLU A 205 -6.65 -8.00 -19.89
CA GLU A 205 -5.80 -6.98 -19.27
C GLU A 205 -6.61 -6.20 -18.23
N LYS A 206 -7.88 -5.95 -18.52
CA LYS A 206 -8.75 -5.23 -17.61
C LYS A 206 -8.92 -6.01 -16.31
N ARG A 207 -8.83 -7.34 -16.40
CA ARG A 207 -8.97 -8.20 -15.24
C ARG A 207 -7.81 -8.01 -14.25
N SER A 208 -6.76 -7.32 -14.68
CA SER A 208 -5.63 -7.03 -13.81
C SER A 208 -5.59 -5.54 -13.53
N LEU A 209 -5.94 -4.74 -14.53
CA LEU A 209 -5.93 -3.29 -14.38
C LEU A 209 -6.90 -2.74 -13.33
N VAL A 210 -8.05 -3.38 -13.14
CA VAL A 210 -8.98 -2.86 -12.13
C VAL A 210 -8.28 -2.92 -10.78
N CYS A 211 -7.38 -3.89 -10.64
CA CYS A 211 -6.63 -4.05 -9.40
C CYS A 211 -5.55 -2.98 -9.33
N ALA A 212 -4.98 -2.64 -10.49
CA ALA A 212 -3.92 -1.65 -10.59
C ALA A 212 -4.34 -0.25 -10.18
N GLN A 213 -5.63 -0.03 -9.97
CA GLN A 213 -6.07 1.28 -9.53
C GLN A 213 -5.48 1.54 -8.15
N CYS A 214 -5.31 0.49 -7.37
CA CYS A 214 -4.79 0.62 -6.02
C CYS A 214 -3.50 -0.12 -5.71
N HIS A 215 -3.35 -1.31 -6.27
CA HIS A 215 -2.17 -2.13 -6.03
C HIS A 215 -0.96 -1.74 -6.85
N VAL A 216 -0.52 -0.50 -6.66
CA VAL A 216 0.63 0.04 -7.38
C VAL A 216 1.41 1.00 -6.48
N GLU A 217 2.63 1.32 -6.88
CA GLU A 217 3.48 2.25 -6.14
C GLU A 217 3.05 3.65 -6.58
N TYR A 218 3.19 4.63 -5.69
CA TYR A 218 2.78 5.99 -6.02
C TYR A 218 3.46 7.00 -5.08
N TYR A 219 3.25 8.28 -5.38
CA TYR A 219 3.74 9.35 -4.54
C TYR A 219 2.74 10.50 -4.65
N PHE A 220 2.79 11.43 -3.70
CA PHE A 220 1.87 12.56 -3.72
C PHE A 220 2.58 13.76 -4.35
N LYS A 221 2.02 14.26 -5.43
CA LYS A 221 2.61 15.41 -6.11
C LYS A 221 1.90 16.68 -5.65
N LYS A 222 2.64 17.54 -4.95
CA LYS A 222 2.07 18.79 -4.50
C LYS A 222 1.62 19.52 -5.76
N THR A 223 0.35 19.89 -5.82
CA THR A 223 -0.19 20.56 -7.01
C THR A 223 -1.01 21.80 -6.69
N GLU A 224 -0.54 22.95 -7.18
CA GLU A 224 -1.23 24.22 -6.97
C GLU A 224 -2.36 24.38 -8.00
N TRP A 225 -3.46 24.99 -7.59
CA TRP A 225 -4.59 25.21 -8.50
C TRP A 225 -5.53 26.26 -7.96
N LYS A 226 -6.53 26.61 -8.76
CA LYS A 226 -7.53 27.61 -8.37
C LYS A 226 -8.92 27.07 -8.68
N ASP A 227 -9.83 27.21 -7.71
CA ASP A 227 -11.19 26.73 -7.90
C ASP A 227 -12.01 27.71 -8.72
N ASP A 228 -13.18 27.27 -9.18
CA ASP A 228 -14.06 28.10 -9.98
C ASP A 228 -14.46 29.39 -9.26
N LYS A 229 -14.21 29.43 -7.95
CA LYS A 229 -14.54 30.62 -7.16
C LYS A 229 -13.33 31.54 -7.04
N GLY A 230 -12.24 31.17 -7.70
CA GLY A 230 -11.03 32.00 -7.68
C GLY A 230 -10.02 31.72 -6.58
N VAL A 231 -10.44 30.97 -5.56
CA VAL A 231 -9.56 30.65 -4.43
C VAL A 231 -8.37 29.77 -4.82
N ASP A 232 -7.20 30.13 -4.30
CA ASP A 232 -5.97 29.39 -4.57
C ASP A 232 -5.83 28.25 -3.56
N LYS A 233 -5.67 27.03 -4.06
CA LYS A 233 -5.54 25.87 -3.19
C LYS A 233 -4.37 24.99 -3.59
N THR A 234 -3.95 24.15 -2.65
CA THR A 234 -2.85 23.22 -2.88
C THR A 234 -3.37 21.80 -2.73
N ALA A 235 -3.19 21.00 -3.76
CA ALA A 235 -3.63 19.62 -3.73
C ALA A 235 -2.45 18.65 -3.68
N MET A 236 -2.68 17.52 -3.02
CA MET A 236 -1.68 16.46 -2.93
C MET A 236 -2.26 15.33 -3.78
N VAL A 237 -1.82 15.27 -5.03
CA VAL A 237 -2.30 14.32 -6.01
C VAL A 237 -1.55 12.99 -6.11
N VAL A 238 -2.30 11.90 -6.08
CA VAL A 238 -1.73 10.56 -6.22
C VAL A 238 -1.18 10.47 -7.63
N THR A 239 0.11 10.13 -7.73
CA THR A 239 0.76 10.05 -9.03
C THR A 239 1.58 8.77 -9.12
N LEU A 240 1.48 8.08 -10.26
CA LEU A 240 2.24 6.86 -10.46
C LEU A 240 3.56 7.28 -11.13
N PRO A 241 4.70 6.99 -10.48
CA PRO A 241 6.04 7.33 -10.98
C PRO A 241 6.45 6.46 -12.16
N TRP A 242 5.60 6.41 -13.19
CA TRP A 242 5.86 5.58 -14.35
C TRP A 242 6.32 6.26 -15.64
N SER A 243 6.56 7.56 -15.61
CA SER A 243 6.96 8.29 -16.81
C SER A 243 8.23 7.77 -17.52
N LYS A 244 9.05 6.98 -16.83
CA LYS A 244 10.25 6.43 -17.44
C LYS A 244 10.17 4.91 -17.58
N GLY A 245 9.03 4.35 -17.20
CA GLY A 245 8.85 2.90 -17.26
C GLY A 245 8.40 2.39 -15.89
N ILE A 246 8.04 1.12 -15.81
CA ILE A 246 7.57 0.58 -14.53
C ILE A 246 8.56 -0.30 -13.79
N SER A 247 9.83 -0.25 -14.18
CA SER A 247 10.83 -1.05 -13.48
C SER A 247 11.28 -0.25 -12.27
N THR A 248 11.77 -0.95 -11.25
CA THR A 248 12.24 -0.28 -10.05
C THR A 248 13.34 0.73 -10.38
N GLU A 249 14.22 0.35 -11.30
CA GLU A 249 15.33 1.23 -11.71
C GLU A 249 14.84 2.47 -12.43
N GLN A 250 13.80 2.32 -13.25
CA GLN A 250 13.25 3.45 -13.98
C GLN A 250 12.56 4.41 -13.03
N MET A 251 11.84 3.85 -12.05
CA MET A 251 11.16 4.67 -11.06
C MET A 251 12.23 5.42 -10.25
N GLU A 252 13.33 4.74 -9.97
CA GLU A 252 14.42 5.35 -9.20
C GLU A 252 14.92 6.58 -9.96
N ALA A 253 15.19 6.42 -11.25
CA ALA A 253 15.67 7.52 -12.08
C ALA A 253 14.63 8.63 -12.10
N TYR A 254 13.36 8.22 -12.12
CA TYR A 254 12.26 9.16 -12.13
C TYR A 254 12.32 10.05 -10.89
N TYR A 255 12.44 9.43 -9.72
CA TYR A 255 12.50 10.16 -8.47
C TYR A 255 13.77 11.00 -8.32
N ASP A 256 14.90 10.48 -8.80
CA ASP A 256 16.14 11.24 -8.70
C ASP A 256 16.10 12.48 -9.60
N GLU A 257 15.52 12.33 -10.79
CA GLU A 257 15.43 13.43 -11.74
C GLU A 257 14.77 14.66 -11.13
N ILE A 258 13.69 14.46 -10.38
CA ILE A 258 12.99 15.57 -9.76
C ILE A 258 13.44 15.83 -8.32
N ASN A 259 14.55 15.21 -7.93
CA ASN A 259 15.10 15.37 -6.58
C ASN A 259 14.02 15.19 -5.53
N PHE A 260 13.17 14.18 -5.72
CA PHE A 260 12.08 13.92 -4.79
C PHE A 260 12.51 13.10 -3.57
N ALA A 261 11.84 13.32 -2.46
CA ALA A 261 12.09 12.59 -1.23
C ALA A 261 10.78 12.52 -0.45
N ASP A 262 10.43 11.33 0.05
CA ASP A 262 9.21 11.17 0.81
C ASP A 262 9.42 11.70 2.23
N TRP A 263 10.66 11.62 2.71
CA TRP A 263 11.00 12.12 4.03
C TRP A 263 12.51 12.14 4.21
N THR A 264 12.97 12.87 5.22
CA THR A 264 14.39 12.94 5.52
C THR A 264 14.54 11.96 6.67
N HIS A 265 15.39 10.96 6.51
CA HIS A 265 15.55 9.95 7.55
C HIS A 265 15.85 10.53 8.92
N GLY A 266 15.09 10.06 9.92
CA GLY A 266 15.25 10.54 11.27
C GLY A 266 16.59 10.23 11.90
N ILE A 267 17.29 9.22 11.39
CA ILE A 267 18.59 8.85 11.94
C ILE A 267 19.77 9.28 11.06
N SER A 268 19.73 8.92 9.78
CA SER A 268 20.81 9.26 8.87
C SER A 268 20.60 10.54 8.07
N LYS A 269 19.41 11.13 8.18
CA LYS A 269 19.10 12.36 7.46
C LYS A 269 19.26 12.20 5.95
N THR A 270 19.02 10.98 5.47
CA THR A 270 19.12 10.69 4.04
C THR A 270 17.78 11.03 3.36
N PRO A 271 17.83 11.56 2.12
CA PRO A 271 16.59 11.90 1.39
C PRO A 271 16.00 10.55 0.97
N MET A 272 15.01 10.08 1.70
CA MET A 272 14.42 8.76 1.43
C MET A 272 13.25 8.68 0.47
N LEU A 273 13.09 7.50 -0.11
CA LEU A 273 12.01 7.17 -1.03
C LEU A 273 11.26 6.00 -0.40
N LYS A 274 9.94 6.10 -0.32
CA LYS A 274 9.13 5.02 0.24
C LYS A 274 8.43 4.25 -0.86
N ALA A 275 8.55 2.94 -0.83
CA ALA A 275 7.88 2.10 -1.83
C ALA A 275 6.59 1.62 -1.20
N GLN A 276 5.50 1.66 -1.96
CA GLN A 276 4.22 1.17 -1.46
C GLN A 276 3.61 0.15 -2.39
N HIS A 277 3.42 -1.06 -1.87
CA HIS A 277 2.79 -2.16 -2.60
C HIS A 277 2.79 -2.05 -4.11
N PRO A 278 3.95 -2.22 -4.76
CA PRO A 278 4.02 -2.14 -6.23
C PRO A 278 3.63 -3.51 -6.77
N ASP A 279 2.49 -4.02 -6.33
CA ASP A 279 2.02 -5.34 -6.72
C ASP A 279 1.92 -5.54 -8.24
N TRP A 280 1.25 -4.62 -8.91
CA TRP A 280 1.08 -4.72 -10.36
C TRP A 280 2.40 -4.58 -11.11
N GLU A 281 3.21 -3.58 -10.76
CA GLU A 281 4.47 -3.38 -11.45
C GLU A 281 5.38 -4.60 -11.40
N LEU A 282 5.50 -5.23 -10.23
CA LEU A 282 6.35 -6.41 -10.10
C LEU A 282 5.72 -7.62 -10.80
N TYR A 283 4.41 -7.77 -10.66
CA TYR A 283 3.67 -8.86 -11.30
C TYR A 283 3.98 -8.89 -12.80
N LYS A 284 4.14 -7.71 -13.38
CA LYS A 284 4.44 -7.61 -14.81
C LYS A 284 5.78 -8.21 -15.23
N THR A 285 6.71 -8.36 -14.29
CA THR A 285 8.02 -8.92 -14.60
C THR A 285 7.99 -10.44 -14.42
N GLY A 286 6.97 -10.93 -13.74
CA GLY A 286 6.86 -12.36 -13.51
C GLY A 286 6.40 -13.15 -14.71
N ILE A 287 6.61 -14.46 -14.67
CA ILE A 287 6.24 -15.32 -15.78
C ILE A 287 4.73 -15.33 -16.02
N HIS A 288 3.93 -15.35 -14.94
CA HIS A 288 2.48 -15.34 -15.10
C HIS A 288 2.04 -14.07 -15.81
N GLY A 289 2.54 -12.93 -15.36
CA GLY A 289 2.18 -11.66 -15.97
C GLY A 289 2.57 -11.59 -17.43
N GLN A 290 3.77 -12.08 -17.75
CA GLN A 290 4.24 -12.08 -19.13
C GLN A 290 3.40 -13.01 -20.00
N LYS A 291 2.87 -14.07 -19.40
CA LYS A 291 2.05 -15.03 -20.14
C LYS A 291 0.60 -14.56 -20.27
N GLY A 292 0.26 -13.46 -19.61
CA GLY A 292 -1.09 -12.95 -19.70
C GLY A 292 -2.07 -13.41 -18.64
N VAL A 293 -1.60 -14.12 -17.62
CA VAL A 293 -2.47 -14.57 -16.53
C VAL A 293 -2.80 -13.35 -15.67
N SER A 294 -4.07 -13.01 -15.54
CA SER A 294 -4.47 -11.85 -14.76
C SER A 294 -4.56 -12.08 -13.26
N CYS A 295 -4.66 -10.99 -12.50
CA CYS A 295 -4.78 -11.06 -11.05
C CYS A 295 -6.03 -11.88 -10.73
N ALA A 296 -7.09 -11.61 -11.48
CA ALA A 296 -8.37 -12.28 -11.27
C ALA A 296 -8.32 -13.78 -11.45
N ASP A 297 -7.48 -14.24 -12.39
CA ASP A 297 -7.37 -15.67 -12.63
C ASP A 297 -6.99 -16.46 -11.38
N CYS A 298 -6.22 -15.85 -10.49
CA CYS A 298 -5.80 -16.53 -9.27
C CYS A 298 -6.57 -16.07 -8.05
N HIS A 299 -6.81 -14.76 -7.94
CA HIS A 299 -7.51 -14.21 -6.79
C HIS A 299 -9.03 -14.15 -6.88
N MET A 300 -9.55 -14.25 -8.11
CA MET A 300 -11.01 -14.24 -8.34
C MET A 300 -11.37 -15.28 -9.40
N PRO A 301 -10.96 -16.54 -9.19
CA PRO A 301 -11.24 -17.63 -10.13
C PRO A 301 -12.72 -17.84 -10.46
N TYR A 302 -12.97 -18.41 -11.65
CA TYR A 302 -14.32 -18.68 -12.10
C TYR A 302 -14.85 -20.00 -11.56
N THR A 303 -16.17 -20.16 -11.69
CA THR A 303 -16.89 -21.36 -11.29
C THR A 303 -18.01 -21.49 -12.31
N GLN A 304 -17.96 -22.54 -13.12
CA GLN A 304 -18.98 -22.75 -14.15
C GLN A 304 -20.19 -23.52 -13.62
N GLU A 305 -21.37 -23.01 -13.93
CA GLU A 305 -22.62 -23.66 -13.50
C GLU A 305 -23.59 -23.80 -14.66
N GLY A 306 -23.16 -24.51 -15.71
CA GLY A 306 -24.00 -24.71 -16.87
C GLY A 306 -24.44 -23.43 -17.53
N ALA A 307 -23.62 -22.92 -18.45
CA ALA A 307 -23.90 -21.68 -19.19
C ALA A 307 -23.58 -20.42 -18.40
N VAL A 308 -23.70 -20.50 -17.07
CA VAL A 308 -23.42 -19.35 -16.22
C VAL A 308 -22.03 -19.41 -15.58
N LYS A 309 -21.26 -18.34 -15.77
CA LYS A 309 -19.92 -18.24 -15.23
C LYS A 309 -19.92 -17.24 -14.06
N TYR A 310 -19.39 -17.66 -12.92
CA TYR A 310 -19.33 -16.79 -11.74
C TYR A 310 -17.90 -16.56 -11.28
N SER A 311 -17.58 -15.31 -10.97
CA SER A 311 -16.25 -14.96 -10.47
C SER A 311 -16.32 -14.91 -8.95
N ASP A 312 -15.46 -15.69 -8.29
CA ASP A 312 -15.44 -15.68 -6.84
C ASP A 312 -14.94 -14.29 -6.43
N HIS A 313 -15.79 -13.52 -5.77
CA HIS A 313 -15.39 -12.18 -5.36
C HIS A 313 -14.72 -12.11 -4.00
N LYS A 314 -14.49 -13.26 -3.38
CA LYS A 314 -13.80 -13.25 -2.09
C LYS A 314 -12.31 -13.16 -2.40
N VAL A 315 -11.84 -11.94 -2.64
CA VAL A 315 -10.44 -11.74 -2.94
C VAL A 315 -9.59 -12.14 -1.75
N GLY A 316 -8.75 -13.16 -1.93
CA GLY A 316 -7.90 -13.61 -0.84
C GLY A 316 -6.68 -14.39 -1.26
N ASN A 317 -6.29 -15.36 -0.43
CA ASN A 317 -5.13 -16.20 -0.71
C ASN A 317 -5.53 -17.35 -1.64
N PRO A 318 -4.98 -17.37 -2.86
CA PRO A 318 -5.28 -18.42 -3.84
C PRO A 318 -4.95 -19.83 -3.33
N LEU A 319 -3.97 -19.91 -2.44
CA LEU A 319 -3.57 -21.20 -1.89
C LEU A 319 -4.65 -21.87 -1.04
N ASP A 320 -5.65 -21.11 -0.62
CA ASP A 320 -6.73 -21.68 0.18
C ASP A 320 -7.74 -22.36 -0.73
N ASN A 321 -7.71 -22.00 -2.01
CA ASN A 321 -8.64 -22.54 -2.99
C ASN A 321 -7.88 -22.92 -4.27
N MET A 322 -6.80 -23.67 -4.09
CA MET A 322 -5.95 -24.08 -5.21
C MET A 322 -6.63 -24.81 -6.35
N ASP A 323 -7.62 -25.63 -6.05
CA ASP A 323 -8.32 -26.36 -7.09
C ASP A 323 -8.90 -25.42 -8.14
N LYS A 324 -9.38 -24.26 -7.70
CA LYS A 324 -9.97 -23.27 -8.62
C LYS A 324 -8.95 -22.23 -9.06
N SER A 325 -7.98 -21.95 -8.21
CA SER A 325 -6.97 -20.94 -8.49
C SER A 325 -5.74 -21.39 -9.29
N CYS A 326 -5.29 -22.62 -9.07
CA CYS A 326 -4.10 -23.10 -9.77
C CYS A 326 -4.29 -24.34 -10.63
N MET A 327 -4.97 -25.35 -10.09
CA MET A 327 -5.19 -26.60 -10.78
C MET A 327 -5.93 -26.50 -12.09
N ASN A 328 -6.36 -25.29 -12.43
CA ASN A 328 -7.08 -25.08 -13.68
C ASN A 328 -6.06 -24.96 -14.81
N CYS A 329 -4.80 -24.75 -14.45
CA CYS A 329 -3.74 -24.63 -15.43
C CYS A 329 -2.58 -25.57 -15.13
N HIS A 330 -2.51 -26.01 -13.88
CA HIS A 330 -1.43 -26.90 -13.46
C HIS A 330 -1.97 -28.28 -13.12
N ARG A 331 -1.19 -29.31 -13.46
CA ARG A 331 -1.57 -30.68 -13.18
C ARG A 331 -0.55 -31.28 -12.21
N GLU A 332 -0.62 -30.82 -10.96
CA GLU A 332 0.28 -31.30 -9.91
C GLU A 332 -0.45 -31.27 -8.57
N SER A 333 0.03 -32.06 -7.63
CA SER A 333 -0.58 -32.11 -6.30
C SER A 333 -0.59 -30.71 -5.70
N GLU A 334 -1.55 -30.47 -4.82
CA GLU A 334 -1.65 -29.17 -4.18
C GLU A 334 -0.53 -28.96 -3.18
N GLN A 335 -0.18 -30.02 -2.45
CA GLN A 335 0.88 -29.92 -1.46
C GLN A 335 2.23 -29.56 -2.09
N LYS A 336 2.54 -30.16 -3.23
CA LYS A 336 3.80 -29.89 -3.90
C LYS A 336 3.83 -28.44 -4.37
N LEU A 337 2.74 -28.00 -4.98
CA LEU A 337 2.66 -26.64 -5.47
C LEU A 337 2.80 -25.68 -4.29
N LYS A 338 2.21 -26.05 -3.15
CA LYS A 338 2.32 -25.23 -1.96
C LYS A 338 3.76 -25.18 -1.46
N ASP A 339 4.43 -26.34 -1.46
CA ASP A 339 5.81 -26.42 -1.01
C ASP A 339 6.70 -25.49 -1.84
N ILE A 340 6.43 -25.45 -3.14
CA ILE A 340 7.22 -24.61 -4.04
C ILE A 340 7.08 -23.14 -3.68
N VAL A 341 5.86 -22.70 -3.41
CA VAL A 341 5.62 -21.31 -3.03
C VAL A 341 6.36 -21.04 -1.73
N LYS A 342 6.31 -22.01 -0.83
CA LYS A 342 6.99 -21.91 0.45
C LYS A 342 8.50 -21.70 0.25
N GLN A 343 9.06 -22.41 -0.71
CA GLN A 343 10.48 -22.31 -1.02
C GLN A 343 10.82 -20.88 -1.43
N LYS A 344 10.00 -20.32 -2.30
CA LYS A 344 10.20 -18.96 -2.78
C LYS A 344 10.16 -17.96 -1.63
N PHE A 345 9.25 -18.18 -0.69
CA PHE A 345 9.14 -17.27 0.45
C PHE A 345 10.41 -17.31 1.30
N GLU A 346 10.94 -18.51 1.50
CA GLU A 346 12.15 -18.68 2.31
C GLU A 346 13.34 -17.98 1.64
N ARG A 347 13.38 -18.06 0.33
CA ARG A 347 14.45 -17.45 -0.45
C ARG A 347 14.41 -15.94 -0.25
N LYS A 348 13.21 -15.37 -0.40
CA LYS A 348 13.00 -13.95 -0.24
C LYS A 348 13.35 -13.51 1.19
N GLU A 349 12.86 -14.26 2.18
CA GLU A 349 13.14 -13.97 3.58
C GLU A 349 14.64 -13.88 3.82
N PHE A 350 15.36 -14.86 3.29
CA PHE A 350 16.81 -14.93 3.42
C PHE A 350 17.48 -13.63 2.98
N LEU A 351 17.16 -13.19 1.77
CA LEU A 351 17.77 -11.97 1.23
C LEU A 351 17.21 -10.70 1.85
N GLN A 352 15.94 -10.75 2.27
CA GLN A 352 15.33 -9.59 2.88
C GLN A 352 16.00 -9.24 4.20
N ASP A 353 16.18 -10.24 5.06
CA ASP A 353 16.80 -9.99 6.34
C ASP A 353 18.23 -9.46 6.20
N ILE A 354 18.97 -9.98 5.23
CA ILE A 354 20.33 -9.52 5.00
C ILE A 354 20.32 -8.04 4.57
N ALA A 355 19.55 -7.73 3.52
CA ALA A 355 19.48 -6.37 3.02
C ALA A 355 19.07 -5.34 4.08
N PHE A 356 17.98 -5.59 4.78
CA PHE A 356 17.53 -4.63 5.78
C PHE A 356 18.39 -4.54 7.03
N ASP A 357 19.21 -5.56 7.25
CA ASP A 357 20.10 -5.54 8.39
C ASP A 357 21.24 -4.57 8.05
N ASN A 358 21.78 -4.69 6.84
CA ASN A 358 22.85 -3.79 6.42
C ASN A 358 22.34 -2.38 6.19
N ILE A 359 21.09 -2.25 5.75
CA ILE A 359 20.51 -0.92 5.55
C ILE A 359 20.34 -0.27 6.92
N GLY A 360 19.89 -1.05 7.90
CA GLY A 360 19.69 -0.53 9.24
C GLY A 360 21.00 -0.05 9.83
N LYS A 361 22.04 -0.87 9.68
CA LYS A 361 23.35 -0.52 10.20
C LYS A 361 23.89 0.75 9.53
N ALA A 362 23.68 0.85 8.23
CA ALA A 362 24.14 2.01 7.48
C ALA A 362 23.51 3.29 8.03
N HIS A 363 22.20 3.26 8.26
CA HIS A 363 21.49 4.41 8.81
C HIS A 363 22.12 4.80 10.15
N LEU A 364 22.23 3.82 11.04
CA LEU A 364 22.79 4.03 12.37
C LEU A 364 24.23 4.53 12.36
N GLU A 365 25.06 3.92 11.51
CA GLU A 365 26.46 4.31 11.39
C GLU A 365 26.56 5.75 10.86
N THR A 366 25.64 6.13 9.97
CA THR A 366 25.65 7.48 9.42
C THR A 366 25.27 8.43 10.56
N GLY A 367 24.27 8.03 11.34
CA GLY A 367 23.84 8.84 12.47
C GLY A 367 24.99 9.05 13.44
N LYS A 368 25.77 7.99 13.65
CA LYS A 368 26.92 8.07 14.54
C LYS A 368 27.95 9.06 13.98
N ALA A 369 28.26 8.93 12.70
CA ALA A 369 29.22 9.83 12.05
C ALA A 369 28.76 11.28 12.20
N MET A 370 27.46 11.51 12.07
CA MET A 370 26.89 12.84 12.20
C MET A 370 27.17 13.38 13.60
N GLU A 371 26.96 12.52 14.59
CA GLU A 371 27.17 12.86 15.99
C GLU A 371 28.61 13.26 16.25
N LEU A 372 29.54 12.62 15.55
CA LEU A 372 30.96 12.92 15.71
C LEU A 372 31.38 14.18 14.94
N GLY A 373 30.47 14.72 14.15
CA GLY A 373 30.79 15.92 13.40
C GLY A 373 30.97 15.80 11.90
N ALA A 374 30.71 14.63 11.33
CA ALA A 374 30.87 14.47 9.88
C ALA A 374 29.95 15.46 9.15
N THR A 375 30.47 16.05 8.08
CA THR A 375 29.73 17.03 7.29
C THR A 375 28.82 16.39 6.24
N ASP A 376 27.86 17.16 5.76
CA ASP A 376 26.95 16.66 4.73
C ASP A 376 27.74 16.32 3.48
N ALA A 377 28.80 17.09 3.22
CA ALA A 377 29.62 16.86 2.05
C ALA A 377 30.30 15.50 2.16
N GLU A 378 30.76 15.16 3.36
CA GLU A 378 31.42 13.88 3.58
C GLU A 378 30.44 12.71 3.53
N LEU A 379 29.17 13.00 3.78
CA LEU A 379 28.15 11.96 3.79
C LEU A 379 27.25 11.90 2.57
N LYS A 380 27.44 12.81 1.62
CA LYS A 380 26.59 12.83 0.44
C LYS A 380 26.54 11.52 -0.35
N GLU A 381 27.71 10.99 -0.73
CA GLU A 381 27.75 9.74 -1.48
C GLU A 381 27.11 8.59 -0.70
N ILE A 382 27.46 8.50 0.58
CA ILE A 382 26.92 7.48 1.45
C ILE A 382 25.39 7.52 1.48
N ARG A 383 24.84 8.72 1.66
CA ARG A 383 23.39 8.90 1.71
C ARG A 383 22.71 8.53 0.39
N THR A 384 23.40 8.75 -0.73
CA THR A 384 22.85 8.39 -2.03
C THR A 384 22.77 6.87 -2.13
N HIS A 385 23.81 6.19 -1.63
CA HIS A 385 23.82 4.74 -1.65
C HIS A 385 22.69 4.19 -0.79
N ILE A 386 22.49 4.78 0.38
CA ILE A 386 21.42 4.33 1.29
C ILE A 386 20.04 4.54 0.67
N ARG A 387 19.83 5.71 0.07
CA ARG A 387 18.57 6.03 -0.58
C ARG A 387 18.23 4.97 -1.64
N HIS A 388 19.21 4.65 -2.49
CA HIS A 388 19.01 3.66 -3.54
C HIS A 388 18.89 2.25 -2.99
N ALA A 389 19.69 1.94 -1.99
CA ALA A 389 19.64 0.62 -1.39
C ALA A 389 18.24 0.32 -0.86
N GLN A 390 17.70 1.24 -0.08
CA GLN A 390 16.39 1.01 0.51
C GLN A 390 15.26 1.10 -0.48
N TRP A 391 15.38 1.99 -1.47
CA TRP A 391 14.34 2.09 -2.47
C TRP A 391 14.21 0.75 -3.17
N ARG A 392 15.33 0.15 -3.54
CA ARG A 392 15.30 -1.13 -4.25
C ARG A 392 14.79 -2.28 -3.37
N ALA A 393 15.28 -2.33 -2.14
CA ALA A 393 14.86 -3.39 -1.21
C ALA A 393 13.39 -3.25 -0.80
N ASP A 394 12.94 -2.01 -0.61
CA ASP A 394 11.55 -1.75 -0.23
C ASP A 394 10.64 -2.13 -1.38
N MET A 395 11.03 -1.77 -2.60
CA MET A 395 10.23 -2.11 -3.78
C MET A 395 10.11 -3.62 -3.91
N ALA A 396 11.14 -4.33 -3.48
CA ALA A 396 11.13 -5.79 -3.55
C ALA A 396 10.18 -6.44 -2.54
N ILE A 397 10.10 -5.88 -1.32
CA ILE A 397 9.24 -6.46 -0.28
C ILE A 397 7.90 -5.78 -0.02
N ALA A 398 7.70 -4.56 -0.52
CA ALA A 398 6.45 -3.84 -0.27
C ALA A 398 5.25 -4.53 -0.88
N GLY A 399 5.48 -5.31 -1.93
CA GLY A 399 4.41 -6.07 -2.55
C GLY A 399 4.51 -7.43 -1.89
N HIS A 400 3.61 -7.72 -0.95
CA HIS A 400 3.65 -8.97 -0.20
C HIS A 400 3.54 -10.27 -1.01
N GLY A 401 3.06 -10.16 -2.24
CA GLY A 401 2.96 -11.35 -3.07
C GLY A 401 4.03 -11.40 -4.14
N SER A 402 4.86 -10.37 -4.20
CA SER A 402 5.91 -10.32 -5.21
C SER A 402 6.86 -11.52 -5.16
N PHE A 403 7.12 -12.04 -3.97
CA PHE A 403 8.02 -13.18 -3.82
C PHE A 403 7.53 -14.35 -4.67
N PHE A 404 6.23 -14.37 -4.97
CA PHE A 404 5.65 -15.42 -5.80
C PHE A 404 5.35 -14.88 -7.20
N HIS A 405 4.81 -13.67 -7.27
CA HIS A 405 4.48 -13.05 -8.55
C HIS A 405 5.68 -12.90 -9.47
N ALA A 406 6.78 -12.41 -8.90
CA ALA A 406 8.00 -12.16 -9.66
C ALA A 406 9.21 -12.50 -8.78
N PRO A 407 9.39 -13.80 -8.48
CA PRO A 407 10.52 -14.22 -7.64
C PRO A 407 11.90 -13.76 -8.09
N GLU A 408 12.20 -13.92 -9.37
CA GLU A 408 13.51 -13.54 -9.88
C GLU A 408 13.84 -12.06 -9.72
N GLU A 409 12.86 -11.19 -9.97
CA GLU A 409 13.08 -9.77 -9.82
C GLU A 409 13.20 -9.39 -8.35
N VAL A 410 12.42 -10.06 -7.49
CA VAL A 410 12.49 -9.78 -6.06
C VAL A 410 13.88 -10.11 -5.52
N LEU A 411 14.40 -11.28 -5.87
CA LEU A 411 15.71 -11.68 -5.40
C LEU A 411 16.81 -10.75 -5.93
N ARG A 412 16.75 -10.40 -7.21
CA ARG A 412 17.76 -9.52 -7.79
C ARG A 412 17.75 -8.14 -7.14
N LEU A 413 16.55 -7.62 -6.90
CA LEU A 413 16.41 -6.30 -6.28
C LEU A 413 16.93 -6.29 -4.85
N LEU A 414 16.66 -7.36 -4.10
CA LEU A 414 17.14 -7.42 -2.73
C LEU A 414 18.67 -7.51 -2.74
N ALA A 415 19.20 -8.20 -3.73
CA ALA A 415 20.65 -8.35 -3.86
C ALA A 415 21.27 -7.01 -4.26
N SER A 416 20.61 -6.30 -5.17
CA SER A 416 21.09 -5.01 -5.64
C SER A 416 21.04 -4.01 -4.48
N GLY A 417 19.92 -4.02 -3.76
CA GLY A 417 19.77 -3.13 -2.62
C GLY A 417 20.85 -3.38 -1.58
N ASN A 418 21.08 -4.66 -1.26
CA ASN A 418 22.09 -5.00 -0.27
C ASN A 418 23.47 -4.49 -0.70
N GLU A 419 23.79 -4.62 -1.98
CA GLU A 419 25.09 -4.17 -2.48
C GLU A 419 25.27 -2.66 -2.28
N GLU A 420 24.22 -1.89 -2.54
CA GLU A 420 24.31 -0.44 -2.36
C GLU A 420 24.50 -0.13 -0.88
N ALA A 421 23.83 -0.91 -0.02
CA ALA A 421 23.95 -0.71 1.42
C ALA A 421 25.38 -0.99 1.86
N GLN A 422 25.96 -2.07 1.35
CA GLN A 422 27.32 -2.41 1.74
C GLN A 422 28.33 -1.40 1.18
N LYS A 423 28.06 -0.85 0.00
CA LYS A 423 28.98 0.14 -0.56
C LYS A 423 28.98 1.33 0.38
N ALA A 424 27.81 1.64 0.92
CA ALA A 424 27.69 2.75 1.86
C ALA A 424 28.46 2.44 3.15
N ARG A 425 28.32 1.22 3.65
CA ARG A 425 28.98 0.85 4.90
C ARG A 425 30.51 0.81 4.78
N ILE A 426 31.03 0.43 3.62
CA ILE A 426 32.48 0.41 3.44
C ILE A 426 32.98 1.85 3.52
N LYS A 427 32.24 2.78 2.92
CA LYS A 427 32.63 4.19 2.95
C LYS A 427 32.42 4.76 4.36
N LEU A 428 31.39 4.27 5.05
CA LEU A 428 31.12 4.73 6.40
C LEU A 428 32.25 4.40 7.36
N VAL A 429 32.86 3.23 7.19
CA VAL A 429 33.96 2.82 8.05
C VAL A 429 35.06 3.88 8.00
N LYS A 430 35.36 4.37 6.80
CA LYS A 430 36.40 5.38 6.64
C LYS A 430 36.00 6.71 7.27
N VAL A 431 34.73 7.10 7.16
CA VAL A 431 34.28 8.34 7.77
C VAL A 431 34.36 8.20 9.29
N LEU A 432 33.91 7.05 9.80
CA LEU A 432 33.95 6.80 11.24
C LEU A 432 35.40 6.82 11.71
N ALA A 433 36.28 6.18 10.95
CA ALA A 433 37.70 6.15 11.31
C ALA A 433 38.25 7.56 11.39
N LYS A 434 37.93 8.40 10.41
CA LYS A 434 38.42 9.78 10.42
C LYS A 434 38.05 10.48 11.72
N TYR A 435 36.89 10.14 12.27
CA TYR A 435 36.43 10.75 13.50
C TYR A 435 36.71 9.93 14.75
N GLY A 436 37.65 8.99 14.64
CA GLY A 436 38.06 8.18 15.77
C GLY A 436 37.13 7.09 16.26
N ALA A 437 36.17 6.66 15.44
CA ALA A 437 35.23 5.62 15.86
C ALA A 437 35.17 4.45 14.88
N ILE A 438 36.32 3.99 14.41
CA ILE A 438 36.36 2.89 13.46
C ILE A 438 35.78 1.58 14.02
N ASP A 439 35.82 1.42 15.33
CA ASP A 439 35.31 0.19 15.95
C ASP A 439 33.86 0.29 16.44
N TYR A 440 33.18 1.36 16.07
CA TYR A 440 31.78 1.56 16.46
C TYR A 440 30.95 0.38 16.00
N VAL A 441 30.05 -0.08 16.87
CA VAL A 441 29.15 -1.18 16.53
C VAL A 441 27.72 -0.64 16.60
N ALA A 442 27.06 -0.59 15.44
CA ALA A 442 25.69 -0.09 15.38
C ALA A 442 24.85 -0.89 16.35
N PRO A 443 24.00 -0.21 17.14
CA PRO A 443 23.15 -0.93 18.09
C PRO A 443 22.20 -1.94 17.43
N ASP A 444 21.81 -2.96 18.19
CA ASP A 444 20.92 -3.96 17.65
C ASP A 444 19.48 -3.47 17.66
N PHE A 445 18.67 -4.00 16.74
CA PHE A 445 17.27 -3.63 16.63
C PHE A 445 16.48 -4.89 16.28
N GLU A 446 16.70 -5.95 17.05
CA GLU A 446 16.06 -7.24 16.82
C GLU A 446 14.62 -7.36 17.32
N THR A 447 14.15 -6.36 18.06
CA THR A 447 12.78 -6.36 18.54
C THR A 447 12.17 -5.01 18.17
N LYS A 448 10.85 -5.00 17.96
CA LYS A 448 10.15 -3.76 17.61
C LYS A 448 10.39 -2.69 18.68
N GLU A 449 10.40 -3.12 19.93
CA GLU A 449 10.60 -2.23 21.06
C GLU A 449 11.95 -1.51 20.96
N LYS A 450 13.01 -2.28 20.77
CA LYS A 450 14.34 -1.68 20.67
C LYS A 450 14.47 -0.81 19.43
N ALA A 451 13.88 -1.26 18.33
CA ALA A 451 13.93 -0.51 17.08
C ALA A 451 13.20 0.83 17.21
N GLN A 452 12.01 0.80 17.80
CA GLN A 452 11.25 2.02 17.96
C GLN A 452 11.92 3.02 18.91
N LYS A 453 12.75 2.50 19.81
CA LYS A 453 13.47 3.38 20.73
C LYS A 453 14.51 4.14 19.91
N LEU A 454 15.25 3.42 19.08
CA LEU A 454 16.27 4.05 18.24
C LEU A 454 15.63 5.03 17.27
N ALA A 455 14.43 4.70 16.81
CA ALA A 455 13.71 5.56 15.87
C ALA A 455 12.98 6.67 16.61
N LYS A 456 13.10 6.66 17.93
CA LYS A 456 12.45 7.67 18.78
C LYS A 456 10.95 7.75 18.54
N VAL A 457 10.29 6.60 18.52
CA VAL A 457 8.85 6.55 18.31
C VAL A 457 8.15 6.32 19.66
N ASP A 458 7.46 7.33 20.17
CA ASP A 458 6.75 7.24 21.45
C ASP A 458 5.39 6.59 21.21
N MET A 459 5.41 5.27 21.14
CA MET A 459 4.20 4.48 20.90
C MET A 459 3.06 4.71 21.88
N GLU A 460 3.36 4.63 23.18
CA GLU A 460 2.33 4.83 24.20
C GLU A 460 1.54 6.11 23.96
N ALA A 461 2.26 7.18 23.63
CA ALA A 461 1.62 8.47 23.38
C ALA A 461 0.75 8.43 22.13
N PHE A 462 1.28 7.89 21.05
CA PHE A 462 0.51 7.81 19.80
C PHE A 462 -0.74 6.96 19.96
N ILE A 463 -0.60 5.84 20.67
CA ILE A 463 -1.74 4.96 20.90
C ILE A 463 -2.80 5.65 21.75
N ALA A 464 -2.37 6.26 22.86
CA ALA A 464 -3.29 6.94 23.75
C ALA A 464 -4.06 8.01 22.98
N GLU A 465 -3.34 8.79 22.18
CA GLU A 465 -3.93 9.84 21.39
C GLU A 465 -4.90 9.25 20.36
N LYS A 466 -4.52 8.12 19.77
CA LYS A 466 -5.36 7.47 18.75
C LYS A 466 -6.68 6.99 19.35
N LEU A 467 -6.61 6.37 20.53
CA LEU A 467 -7.81 5.87 21.16
C LEU A 467 -8.79 6.99 21.44
N LYS A 468 -8.28 8.15 21.89
CA LYS A 468 -9.15 9.28 22.17
C LYS A 468 -9.87 9.71 20.89
N PHE A 469 -9.14 9.69 19.77
CA PHE A 469 -9.71 10.05 18.48
C PHE A 469 -10.85 9.09 18.13
N LYS A 470 -10.57 7.80 18.21
CA LYS A 470 -11.55 6.77 17.90
C LYS A 470 -12.79 6.83 18.80
N GLN A 471 -12.59 7.15 20.07
CA GLN A 471 -13.69 7.21 21.03
C GLN A 471 -14.55 8.46 20.88
N THR A 472 -14.03 9.45 20.17
CA THR A 472 -14.76 10.69 20.00
C THR A 472 -15.08 11.03 18.54
N LEU A 473 -14.13 11.66 17.85
CA LEU A 473 -14.33 12.06 16.47
C LEU A 473 -14.74 10.93 15.54
N GLU A 474 -14.14 9.75 15.68
CA GLU A 474 -14.48 8.64 14.80
C GLU A 474 -15.93 8.22 14.94
N GLN A 475 -16.38 8.05 16.18
CA GLN A 475 -17.77 7.65 16.41
C GLN A 475 -18.71 8.72 15.87
N GLU A 476 -18.29 9.98 15.95
CA GLU A 476 -19.12 11.07 15.42
C GLU A 476 -19.19 10.95 13.91
N TRP A 477 -18.08 10.54 13.31
CA TRP A 477 -18.03 10.35 11.86
C TRP A 477 -19.04 9.29 11.46
N LYS A 478 -19.01 8.17 12.16
CA LYS A 478 -19.91 7.05 11.87
C LYS A 478 -21.38 7.39 12.15
N LYS A 479 -21.64 8.09 13.25
CA LYS A 479 -23.01 8.45 13.58
C LYS A 479 -23.59 9.40 12.53
N GLN A 480 -22.79 10.40 12.13
CA GLN A 480 -23.25 11.35 11.13
C GLN A 480 -23.47 10.68 9.78
N ALA A 481 -22.55 9.81 9.40
CA ALA A 481 -22.66 9.11 8.12
C ALA A 481 -23.92 8.25 8.08
N ILE A 482 -24.20 7.57 9.19
CA ILE A 482 -25.37 6.72 9.27
C ILE A 482 -26.64 7.57 9.22
N ALA A 483 -26.62 8.71 9.91
CA ALA A 483 -27.77 9.61 9.93
C ALA A 483 -28.04 10.17 8.53
N LYS A 484 -27.00 10.49 7.79
CA LYS A 484 -27.13 11.04 6.45
C LYS A 484 -27.48 9.98 5.40
N GLY A 485 -27.37 8.71 5.78
CA GLY A 485 -27.67 7.63 4.85
C GLY A 485 -26.50 7.23 3.97
N ARG A 486 -25.29 7.63 4.35
CA ARG A 486 -24.10 7.29 3.56
C ARG A 486 -23.50 5.96 4.01
N LEU A 487 -23.79 5.59 5.25
CA LEU A 487 -23.26 4.37 5.83
C LEU A 487 -24.34 3.45 6.40
N ASN A 488 -24.24 2.17 6.07
CA ASN A 488 -25.18 1.18 6.55
C ASN A 488 -24.49 0.45 7.70
N PRO A 489 -25.08 0.49 8.90
CA PRO A 489 -24.48 -0.17 10.08
C PRO A 489 -24.13 -1.64 9.90
N GLU A 490 -24.82 -2.32 8.99
CA GLU A 490 -24.55 -3.73 8.74
C GLU A 490 -23.11 -3.95 8.32
N SER A 491 -22.56 -2.99 7.58
CA SER A 491 -21.19 -3.09 7.09
C SER A 491 -20.14 -2.99 8.19
N LEU A 492 -20.55 -2.52 9.36
CA LEU A 492 -19.60 -2.37 10.47
C LEU A 492 -19.44 -3.61 11.34
N LYS A 493 -20.22 -4.66 11.06
CA LYS A 493 -20.14 -5.88 11.86
C LYS A 493 -18.74 -6.48 11.94
N GLY A 494 -18.21 -6.50 13.17
CA GLY A 494 -16.89 -7.05 13.41
C GLY A 494 -15.77 -6.37 12.66
N VAL A 495 -16.04 -5.20 12.10
CA VAL A 495 -15.03 -4.49 11.33
C VAL A 495 -13.94 -3.84 12.19
N ASP A 496 -14.27 -3.52 13.44
CA ASP A 496 -13.30 -2.88 14.31
C ASP A 496 -12.99 -3.62 15.60
N GLU A 497 -12.62 -4.90 15.46
CA GLU A 497 -12.29 -5.70 16.63
C GLU A 497 -10.79 -5.83 16.81
N LYS A 498 -10.03 -5.58 15.74
CA LYS A 498 -8.58 -5.71 15.78
C LYS A 498 -7.81 -4.56 15.14
N SER A 499 -6.56 -4.41 15.59
CA SER A 499 -5.62 -3.42 15.09
C SER A 499 -4.30 -3.94 15.62
N SER A 500 -3.20 -3.24 15.38
CA SER A 500 -1.91 -3.71 15.88
C SER A 500 -1.77 -3.41 17.37
N TYR A 501 -2.63 -2.52 17.89
CA TYR A 501 -2.56 -2.15 19.31
C TYR A 501 -3.74 -2.58 20.19
N TYR A 502 -4.66 -3.36 19.64
CA TYR A 502 -5.77 -3.89 20.42
C TYR A 502 -6.43 -5.03 19.69
N ASP A 503 -6.98 -5.97 20.45
CA ASP A 503 -7.66 -7.11 19.87
C ASP A 503 -8.80 -7.54 20.80
N LYS A 504 -10.02 -7.16 20.44
CA LYS A 504 -11.19 -7.49 21.24
C LYS A 504 -11.43 -9.00 21.20
N THR A 505 -10.56 -9.69 20.45
CA THR A 505 -10.53 -11.15 20.31
C THR A 505 -11.21 -11.88 19.15
N LYS A 506 -12.50 -12.16 19.26
CA LYS A 506 -13.22 -12.94 18.24
C LYS A 506 -13.43 -12.41 16.81
N LYS A 507 -14.26 -13.14 16.07
CA LYS A 507 -14.62 -12.89 14.67
C LYS A 507 -14.58 -11.44 14.20
CA CA B . 6.05 5.69 -3.04
Y Y1 C . -31.79 0.08 -4.06
Y Y1 D . -2.97 -11.18 4.35
Y Y1 E . 11.22 -18.81 -11.78
N1 AZI F . 0.47 4.77 4.01
N2 AZI F . 0.93 4.85 2.86
N3 AZI F . 1.38 4.90 1.87
FE HEC G . -2.98 2.25 1.61
CHA HEC G . -3.02 -1.02 2.59
CHB HEC G . -3.21 3.24 4.80
CHC HEC G . -2.57 5.48 0.59
CHD HEC G . -3.39 1.26 -1.58
NA HEC G . -3.12 1.30 3.34
C1A HEC G . -3.14 -0.05 3.58
C2A HEC G . -3.29 -0.35 5.00
C3A HEC G . -3.36 0.85 5.63
C4A HEC G . -3.25 1.86 4.59
CMA HEC G . -3.45 1.07 7.15
CAA HEC G . -3.30 -1.73 5.66
CBA HEC G . -1.88 -2.27 5.78
CGA HEC G . -1.02 -1.44 6.72
O1A HEC G . -1.21 -1.54 7.95
O2A HEC G . -0.15 -0.69 6.23
NB HEC G . -2.90 3.99 2.51
C1B HEC G . -3.02 4.22 3.86
C2B HEC G . -2.71 5.61 4.18
C3B HEC G . -2.45 6.24 3.01
C4B HEC G . -2.60 5.23 1.97
CMB HEC G . -2.56 6.19 5.59
CAB HEC G . -2.05 7.57 2.88
CBB HEC G . -0.68 7.89 2.86
NC HEC G . -2.96 3.18 -0.13
C1C HEC G . -2.78 4.52 -0.40
C2C HEC G . -2.97 4.82 -1.82
C3C HEC G . -3.27 3.64 -2.42
C4C HEC G . -3.22 2.62 -1.37
CMC HEC G . -2.89 6.19 -2.49
CAC HEC G . -3.66 3.44 -3.76
CBC HEC G . -2.92 3.97 -4.85
ND HEC G . -3.06 0.50 0.70
C1D HEC G . -3.29 0.26 -0.65
C2D HEC G . -3.18 -1.15 -0.98
C3D HEC G . -2.91 -1.79 0.19
C4D HEC G . -2.90 -0.75 1.23
CMD HEC G . -3.32 -1.81 -2.35
CAD HEC G . -2.80 -3.31 0.37
CBD HEC G . -1.49 -4.03 0.03
CGD HEC G . -0.37 -3.73 1.02
O1D HEC G . -0.64 -3.12 2.07
O2D HEC G . 0.79 -4.12 0.75
FE HEC H . -17.20 -7.74 -9.75
CHA HEC H . -17.11 -9.79 -12.45
CHB HEC H . -20.55 -7.87 -9.72
CHC HEC H . -17.23 -6.04 -6.82
CHD HEC H . -13.88 -7.15 -10.05
NA HEC H . -18.56 -8.64 -10.87
C1A HEC H . -18.37 -9.45 -11.97
C2A HEC H . -19.62 -9.78 -12.61
C3A HEC H . -20.59 -9.20 -11.87
C4A HEC H . -19.92 -8.51 -10.78
CMA HEC H . -22.08 -9.27 -12.14
CAA HEC H . -19.77 -10.61 -13.89
CBA HEC H . -20.05 -12.08 -13.62
CGA HEC H . -18.93 -12.77 -12.87
O1A HEC H . -19.12 -13.16 -11.70
O2A HEC H . -17.83 -12.93 -13.46
NB HEC H . -18.60 -7.13 -8.49
C1B HEC H . -19.96 -7.28 -8.64
C2B HEC H . -20.68 -6.80 -7.46
C3B HEC H . -19.74 -6.32 -6.60
C4B HEC H . -18.46 -6.51 -7.28
CMB HEC H . -22.19 -6.88 -7.23
CAB HEC H . -19.92 -5.76 -5.33
CBB HEC H . -20.58 -6.45 -4.28
NC HEC H . -15.85 -6.76 -8.68
C1C HEC H . -16.02 -6.11 -7.47
C2C HEC H . -14.81 -5.44 -7.03
C3C HEC H . -13.90 -5.63 -8.01
C4C HEC H . -14.53 -6.53 -8.98
CMC HEC H . -14.59 -4.70 -5.70
CAC HEC H . -12.68 -4.96 -8.14
CBC HEC H . -11.65 -5.09 -7.20
ND HEC H . -15.79 -8.38 -10.95
C1D HEC H . -14.45 -8.06 -10.95
C2D HEC H . -13.71 -8.83 -11.94
C3D HEC H . -14.62 -9.61 -12.56
C4D HEC H . -15.90 -9.32 -11.96
CMD HEC H . -12.23 -8.71 -12.26
CAD HEC H . -14.39 -10.58 -13.72
CBD HEC H . -14.50 -9.89 -15.06
CGD HEC H . -14.55 -10.86 -16.23
O1D HEC H . -13.76 -11.81 -16.25
O2D HEC H . -15.41 -10.67 -17.13
FE HEC I . -6.88 -5.30 -3.00
CHA HEC I . -5.89 -6.10 0.15
CHB HEC I . -5.99 -8.32 -4.11
CHC HEC I . -8.33 -4.64 -5.98
CHD HEC I . -7.26 -2.08 -2.09
NA HEC I . -6.18 -6.89 -2.15
C1A HEC I . -5.88 -7.10 -0.81
C2A HEC I . -5.39 -8.44 -0.61
C3A HEC I . -5.35 -9.03 -1.83
C4A HEC I . -5.84 -8.07 -2.76
CMA HEC I . -4.98 -10.46 -2.16
CAA HEC I . -5.06 -9.09 0.73
CBA HEC I . -6.10 -10.13 1.10
CGA HEC I . -5.84 -10.78 2.45
O1A HEC I . -4.70 -10.63 2.97
O2A HEC I . -6.74 -11.43 2.99
NB HEC I . -7.10 -6.28 -4.71
C1B HEC I . -6.61 -7.52 -5.02
C2B HEC I . -6.92 -7.90 -6.38
C3B HEC I . -7.68 -6.92 -6.91
C4B HEC I . -7.76 -5.89 -5.86
CMB HEC I . -6.44 -9.16 -7.10
CAB HEC I . -8.28 -6.91 -8.18
CBB HEC I . -9.21 -7.91 -8.60
NC HEC I . -7.66 -3.70 -3.84
C1C HEC I . -8.29 -3.61 -5.06
C2C HEC I . -8.74 -2.27 -5.32
C3C HEC I . -8.38 -1.51 -4.25
C4C HEC I . -7.71 -2.42 -3.35
CMC HEC I . -9.43 -1.76 -6.59
CAC HEC I . -8.54 -0.12 -4.13
CBC HEC I . -9.80 0.51 -4.24
ND HEC I . -6.55 -4.29 -1.34
C1D HEC I . -6.75 -2.94 -1.14
C2D HEC I . -6.52 -2.57 0.24
C3D HEC I . -6.15 -3.69 0.89
C4D HEC I . -6.17 -4.77 -0.10
CMD HEC I . -6.56 -1.16 0.83
CAD HEC I . -5.74 -3.77 2.35
CBD HEC I . -6.92 -4.22 3.19
CGD HEC I . -6.63 -4.16 4.68
O1D HEC I . -5.58 -4.66 5.11
O2D HEC I . -7.48 -3.62 5.43
FE HEC J . -1.32 -12.29 -6.08
CHA HEC J . -0.26 -12.82 -2.91
CHB HEC J . -2.18 -9.14 -5.29
CHC HEC J . -1.65 -11.60 -9.37
CHD HEC J . -1.06 -15.54 -6.76
NA HEC J . -1.25 -11.20 -4.44
C1A HEC J . -0.71 -11.55 -3.21
C2A HEC J . -0.79 -10.45 -2.27
C3A HEC J . -1.44 -9.44 -2.92
C4A HEC J . -1.70 -9.92 -4.26
CMA HEC J . -1.90 -8.09 -2.36
CAA HEC J . -0.27 -10.46 -0.84
CBA HEC J . -1.45 -10.76 0.09
CGA HEC J . -1.08 -10.75 1.56
O1A HEC J . -1.95 -10.43 2.38
O2A HEC J . 0.09 -11.06 1.89
NB HEC J . -1.84 -10.73 -7.10
C1B HEC J . -2.24 -9.50 -6.62
C2B HEC J . -2.52 -8.59 -7.70
C3B HEC J . -2.23 -9.23 -8.87
C4B HEC J . -1.84 -10.57 -8.48
CMB HEC J . -3.07 -7.17 -7.56
CAB HEC J . -2.19 -8.68 -10.15
CBB HEC J . -1.36 -7.59 -10.47
NC HEC J . -1.37 -13.35 -7.73
C1C HEC J . -1.50 -12.92 -9.02
C2C HEC J . -1.57 -14.04 -9.94
C3C HEC J . -1.46 -15.18 -9.21
C4C HEC J . -1.32 -14.72 -7.83
CMC HEC J . -1.74 -13.95 -11.44
CAC HEC J . -1.55 -16.50 -9.68
CBC HEC J . -0.60 -17.05 -10.59
ND HEC J . -0.78 -13.83 -5.05
C1D HEC J . -0.75 -15.13 -5.47
C2D HEC J . -0.17 -16.00 -4.48
C3D HEC J . 0.13 -15.23 -3.43
C4D HEC J . -0.28 -13.88 -3.77
CMD HEC J . 0.14 -17.49 -4.60
CAD HEC J . 0.84 -15.68 -2.17
CBD HEC J . -0.10 -16.38 -1.20
CGD HEC J . 0.55 -16.67 0.13
O1D HEC J . 1.67 -17.25 0.16
O2D HEC J . -0.05 -16.33 1.17
FE HEC K . 1.13 -21.00 -12.71
CHA HEC K . 4.18 -21.11 -14.18
CHB HEC K . 2.49 -21.94 -9.74
CHC HEC K . -1.84 -20.42 -11.22
CHD HEC K . -0.34 -20.73 -15.74
NA HEC K . 2.95 -21.47 -12.09
C1A HEC K . 4.13 -21.38 -12.82
C2A HEC K . 5.28 -21.71 -12.01
C3A HEC K . 4.80 -22.07 -10.78
C4A HEC K . 3.35 -21.89 -10.84
CMA HEC K . 5.63 -22.55 -9.60
CAA HEC K . 6.72 -21.78 -12.51
CBA HEC K . 7.54 -20.50 -12.41
CGA HEC K . 8.03 -20.22 -11.00
O1A HEC K . 8.61 -21.14 -10.40
O2A HEC K . 7.83 -19.09 -10.51
NB HEC K . 0.48 -21.09 -10.86
C1B HEC K . 1.16 -21.54 -9.75
C2B HEC K . 0.30 -21.53 -8.59
C3B HEC K . -0.90 -21.00 -8.98
C4B HEC K . -0.78 -20.78 -10.40
CMB HEC K . 0.66 -22.02 -7.19
CAB HEC K . -2.01 -20.69 -8.17
CBB HEC K . -1.97 -19.68 -7.20
NC HEC K . -0.70 -20.64 -13.34
C1C HEC K . -1.82 -20.35 -12.58
C2C HEC K . -2.97 -20.10 -13.41
C3C HEC K . -2.58 -20.29 -14.70
C4C HEC K . -1.15 -20.58 -14.64
CMC HEC K . -4.38 -19.76 -12.94
CAC HEC K . -3.42 -20.41 -15.81
CBC HEC K . -4.16 -19.36 -16.38
ND HEC K . 1.77 -20.95 -14.56
C1D HEC K . 1.03 -20.87 -15.72
C2D HEC K . 1.88 -20.73 -16.89
C3D HEC K . 3.15 -20.69 -16.45
C4D HEC K . 3.09 -20.90 -15.00
CMD HEC K . 1.41 -20.59 -18.34
CAD HEC K . 4.36 -20.29 -17.26
CBD HEC K . 5.20 -21.45 -17.74
CGD HEC K . 4.53 -22.24 -18.84
O1D HEC K . 4.33 -21.67 -19.94
O2D HEC K . 4.20 -23.42 -18.62
#